data_3L8V
#
_entry.id   3L8V
#
_cell.length_a   42.800
_cell.length_b   47.250
_cell.length_c   154.500
_cell.angle_alpha   90.00
_cell.angle_beta   90.00
_cell.angle_gamma   90.00
#
_symmetry.space_group_name_H-M   'P 21 21 21'
#
loop_
_entity.id
_entity.type
_entity.pdbx_description
1 polymer 'Hepatocyte growth factor receptor'
2 non-polymer 2-({4-[(2-aminopyridin-4-yl)oxy]-3-fluorophenyl}amino)-N-(2,4-difluorophenyl)pyridine-3-carboxamide
3 water water
#
_entity_poly.entity_id   1
_entity_poly.type   'polypeptide(L)'
_entity_poly.pdbx_seq_one_letter_code
;GANTVHIDLSALNPELVQAVQHVVIGPSSLIVHFNEVIGRGHFGCVYHGTLLDNDGKKIHCAVKSLNRITDIGEVSQFLT
EGIIMKDFSHPNVLSLLGICLRSEGSPLVVLPYMKHGDLRNFIRNETHNPTVKDLIGFGLQVAKGMKFLASKKFVHRDLA
ARNCMLDEKFTVKVADFGLARDMYDKEFDSVHNKTGAKLPVKWMALESLQTQKFTTKSDVWSFGVLLWELMTRGAPPYPD
VNTFDITVYLLQGRRLLQPEYCPDPLYEVMLKCWHPKAEMRPSFSELVSRISAIFSTFIGEHYVHVNATYVNVK
;
_entity_poly.pdbx_strand_id   A
#
loop_
_chem_comp.id
_chem_comp.type
_chem_comp.name
_chem_comp.formula
L8V non-polymer 2-({4-[(2-aminopyridin-4-yl)oxy]-3-fluorophenyl}amino)-N-(2,4-difluorophenyl)pyridine-3-carboxamide 'C23 H16 F3 N5 O2'
#
# COMPACT_ATOMS: atom_id res chain seq x y z
N ASP A 8 -15.31 -2.84 26.25
CA ASP A 8 -16.75 -3.02 26.01
C ASP A 8 -16.98 -3.95 24.80
N LEU A 9 -16.41 -5.17 24.88
CA LEU A 9 -16.44 -6.23 23.86
C LEU A 9 -17.84 -6.68 23.40
N SER A 10 -18.81 -6.74 24.33
CA SER A 10 -20.19 -7.17 24.04
C SER A 10 -21.02 -6.14 23.25
N ALA A 11 -20.64 -4.85 23.28
CA ALA A 11 -21.31 -3.77 22.56
C ALA A 11 -20.78 -3.55 21.13
N LEU A 12 -19.93 -4.48 20.64
CA LEU A 12 -19.31 -4.41 19.32
C LEU A 12 -20.27 -4.64 18.16
N ASN A 13 -20.49 -5.92 17.79
CA ASN A 13 -21.34 -6.42 16.70
C ASN A 13 -21.13 -7.94 16.67
N PRO A 14 -22.19 -8.75 16.86
CA PRO A 14 -22.00 -10.22 16.89
C PRO A 14 -21.34 -10.85 15.65
N GLU A 15 -21.60 -10.27 14.44
CA GLU A 15 -21.00 -10.79 13.21
C GLU A 15 -19.51 -10.46 13.09
N LEU A 16 -19.09 -9.28 13.57
CA LEU A 16 -17.70 -8.84 13.59
C LEU A 16 -16.93 -9.73 14.58
N VAL A 17 -17.51 -9.93 15.78
CA VAL A 17 -16.96 -10.75 16.87
C VAL A 17 -16.77 -12.22 16.47
N GLN A 18 -17.74 -12.83 15.75
CA GLN A 18 -17.60 -14.22 15.29
C GLN A 18 -16.54 -14.37 14.18
N ALA A 19 -16.40 -13.34 13.31
CA ALA A 19 -15.41 -13.27 12.23
C ALA A 19 -13.99 -13.15 12.84
N VAL A 20 -13.87 -12.32 13.91
CA VAL A 20 -12.62 -12.08 14.65
C VAL A 20 -12.24 -13.35 15.44
N GLN A 21 -13.26 -14.11 15.91
CA GLN A 21 -13.10 -15.35 16.67
C GLN A 21 -12.34 -16.41 15.88
N HIS A 22 -12.62 -16.51 14.55
CA HIS A 22 -11.97 -17.46 13.65
C HIS A 22 -10.49 -17.10 13.34
N VAL A 23 -10.08 -15.84 13.62
CA VAL A 23 -8.71 -15.35 13.42
C VAL A 23 -8.08 -14.91 14.76
N VAL A 24 -8.64 -15.37 15.90
CA VAL A 24 -8.15 -15.02 17.24
C VAL A 24 -6.76 -15.60 17.58
N ILE A 25 -5.95 -14.76 18.24
CA ILE A 25 -4.62 -15.11 18.74
C ILE A 25 -4.70 -15.00 20.27
N GLY A 26 -4.36 -16.09 20.96
CA GLY A 26 -4.35 -16.13 22.43
C GLY A 26 -3.22 -15.29 23.01
N PRO A 27 -3.47 -14.49 24.07
CA PRO A 27 -2.41 -13.62 24.63
C PRO A 27 -1.16 -14.30 25.22
N SER A 28 -1.13 -15.64 25.21
CA SER A 28 0.01 -16.46 25.67
C SER A 28 0.95 -16.76 24.51
N SER A 29 0.38 -16.92 23.29
CA SER A 29 1.13 -17.22 22.07
C SER A 29 1.72 -15.98 21.36
N LEU A 30 1.54 -14.78 21.92
CA LEU A 30 2.07 -13.56 21.32
C LEU A 30 2.84 -12.65 22.29
N ILE A 31 4.11 -12.37 21.96
CA ILE A 31 4.95 -11.46 22.74
C ILE A 31 5.20 -10.21 21.90
N VAL A 32 4.70 -9.06 22.37
CA VAL A 32 4.84 -7.76 21.72
C VAL A 32 6.02 -7.04 22.39
N HIS A 33 7.02 -6.66 21.58
CA HIS A 33 8.21 -5.94 22.04
C HIS A 33 7.91 -4.47 21.85
N PHE A 34 7.24 -3.86 22.85
CA PHE A 34 6.80 -2.47 22.87
C PHE A 34 7.94 -1.45 22.81
N ASN A 35 9.15 -1.89 23.19
CA ASN A 35 10.39 -1.11 23.18
C ASN A 35 10.93 -0.99 21.73
N GLU A 36 10.64 -2.01 20.88
CA GLU A 36 11.06 -2.10 19.48
C GLU A 36 9.95 -1.62 18.53
N VAL A 37 9.92 -0.31 18.25
CA VAL A 37 8.92 0.30 17.37
C VAL A 37 9.23 0.19 15.87
N ILE A 38 8.26 -0.30 15.07
CA ILE A 38 8.36 -0.37 13.60
C ILE A 38 7.55 0.82 13.08
N GLY A 39 8.01 2.02 13.41
CA GLY A 39 7.34 3.24 13.01
C GLY A 39 6.17 3.60 13.91
N ARG A 40 6.30 4.73 14.62
CA ARG A 40 5.27 5.27 15.54
C ARG A 40 4.03 5.74 14.77
N GLY A 41 4.23 6.09 13.50
CA GLY A 41 3.17 6.54 12.59
C GLY A 41 2.48 7.80 13.09
N HIS A 42 1.20 7.66 13.48
CA HIS A 42 0.37 8.74 14.00
C HIS A 42 -0.37 8.21 15.23
N PHE A 43 -1.72 8.07 15.16
CA PHE A 43 -2.53 7.51 16.23
C PHE A 43 -2.77 6.00 16.00
N GLY A 44 -1.68 5.34 15.60
CA GLY A 44 -1.59 3.91 15.31
C GLY A 44 -0.13 3.50 15.35
N CYS A 45 0.25 2.61 16.27
CA CYS A 45 1.62 2.16 16.41
C CYS A 45 1.83 0.74 15.96
N VAL A 46 3.02 0.45 15.41
CA VAL A 46 3.43 -0.87 14.96
C VAL A 46 4.70 -1.25 15.73
N TYR A 47 4.75 -2.48 16.25
CA TYR A 47 5.84 -3.01 17.05
C TYR A 47 6.33 -4.34 16.51
N HIS A 48 7.55 -4.73 16.92
CA HIS A 48 8.09 -6.05 16.63
C HIS A 48 7.36 -7.04 17.53
N GLY A 49 7.11 -8.22 17.01
CA GLY A 49 6.40 -9.23 17.76
C GLY A 49 6.91 -10.62 17.49
N THR A 50 6.70 -11.53 18.45
CA THR A 50 7.03 -12.94 18.34
C THR A 50 5.70 -13.67 18.51
N LEU A 51 5.42 -14.58 17.58
CA LEU A 51 4.19 -15.35 17.58
C LEU A 51 4.52 -16.83 17.63
N LEU A 52 3.82 -17.59 18.50
CA LEU A 52 4.01 -19.02 18.60
C LEU A 52 2.95 -19.69 17.75
N ASP A 53 3.38 -20.45 16.75
CA ASP A 53 2.50 -21.12 15.80
C ASP A 53 2.44 -22.62 16.11
N ASN A 54 1.20 -23.17 16.21
CA ASN A 54 0.89 -24.59 16.50
C ASN A 54 1.66 -25.18 17.70
N ASP A 55 2.98 -25.42 17.53
CA ASP A 55 3.89 -25.93 18.55
C ASP A 55 5.33 -25.45 18.38
N GLY A 56 5.85 -24.79 19.43
CA GLY A 56 7.23 -24.29 19.50
C GLY A 56 7.67 -23.16 18.60
N LYS A 57 7.21 -23.14 17.33
CA LYS A 57 7.53 -22.19 16.25
C LYS A 57 7.59 -20.70 16.68
N LYS A 58 8.80 -20.08 16.62
CA LYS A 58 9.03 -18.68 17.03
C LYS A 58 9.09 -17.68 15.85
N ILE A 59 7.94 -17.46 15.18
CA ILE A 59 7.82 -16.60 13.99
C ILE A 59 7.87 -15.08 14.24
N HIS A 60 8.57 -14.36 13.34
CA HIS A 60 8.73 -12.90 13.42
C HIS A 60 7.51 -12.20 12.80
N CYS A 61 6.93 -11.26 13.54
CA CYS A 61 5.73 -10.56 13.11
C CYS A 61 5.71 -9.08 13.48
N ALA A 62 4.77 -8.33 12.86
CA ALA A 62 4.54 -6.90 13.11
C ALA A 62 3.18 -6.81 13.80
N VAL A 63 3.13 -6.08 14.93
CA VAL A 63 1.89 -5.94 15.72
C VAL A 63 1.39 -4.50 15.72
N LYS A 64 0.23 -4.24 15.08
CA LYS A 64 -0.40 -2.93 14.98
C LYS A 64 -1.41 -2.70 16.12
N SER A 65 -1.34 -1.51 16.77
CA SER A 65 -2.16 -1.13 17.92
C SER A 65 -2.81 0.27 17.81
N LEU A 66 -3.13 0.88 19.00
CA LEU A 66 -3.75 2.19 19.29
C LEU A 66 -5.26 2.29 18.99
N ASN A 67 -6.12 2.75 19.95
CA ASN A 67 -5.97 3.24 21.35
C ASN A 67 -6.15 4.78 21.60
N ARG A 68 -7.36 5.29 22.02
CA ARG A 68 -8.68 4.67 22.30
C ARG A 68 -9.63 5.74 22.86
N ILE A 69 -10.35 6.51 22.01
CA ILE A 69 -11.24 7.57 22.52
C ILE A 69 -12.77 7.28 22.43
N THR A 70 -13.35 7.10 21.21
CA THR A 70 -14.79 6.83 21.02
C THR A 70 -15.22 5.44 21.50
N ASP A 71 -16.22 5.40 22.43
CA ASP A 71 -16.84 4.24 23.09
C ASP A 71 -16.47 2.86 22.55
N ILE A 72 -16.67 2.63 21.23
CA ILE A 72 -16.37 1.37 20.56
C ILE A 72 -16.27 1.54 19.02
N GLY A 73 -16.59 2.74 18.54
CA GLY A 73 -16.59 3.13 17.12
C GLY A 73 -15.26 2.96 16.41
N GLU A 74 -14.17 3.43 17.03
CA GLU A 74 -12.83 3.30 16.46
C GLU A 74 -12.28 1.88 16.59
N VAL A 75 -12.70 1.13 17.64
CA VAL A 75 -12.31 -0.26 17.90
C VAL A 75 -12.96 -1.19 16.85
N SER A 76 -14.25 -0.93 16.53
CA SER A 76 -15.02 -1.69 15.56
C SER A 76 -14.42 -1.50 14.15
N GLN A 77 -14.04 -0.26 13.80
CA GLN A 77 -13.42 0.10 12.51
C GLN A 77 -12.05 -0.54 12.37
N PHE A 78 -11.27 -0.57 13.47
CA PHE A 78 -9.93 -1.17 13.57
C PHE A 78 -9.99 -2.67 13.36
N LEU A 79 -10.97 -3.34 13.99
CA LEU A 79 -11.18 -4.78 13.87
C LEU A 79 -11.68 -5.15 12.48
N THR A 80 -12.50 -4.29 11.84
CA THR A 80 -13.01 -4.50 10.49
C THR A 80 -11.85 -4.47 9.48
N GLU A 81 -10.98 -3.45 9.57
CA GLU A 81 -9.80 -3.30 8.70
C GLU A 81 -8.94 -4.56 8.69
N GLY A 82 -8.74 -5.16 9.87
CA GLY A 82 -7.98 -6.40 10.03
C GLY A 82 -8.74 -7.60 9.48
N ILE A 83 -10.07 -7.67 9.74
CA ILE A 83 -10.93 -8.76 9.28
C ILE A 83 -11.17 -8.76 7.77
N ILE A 84 -11.00 -7.57 7.13
CA ILE A 84 -11.11 -7.35 5.68
C ILE A 84 -10.01 -8.17 4.92
N MET A 85 -8.88 -8.45 5.61
CA MET A 85 -7.71 -9.17 5.11
C MET A 85 -7.85 -10.69 5.06
N LYS A 86 -8.79 -11.26 5.83
CA LYS A 86 -9.07 -12.70 5.94
C LYS A 86 -8.93 -13.48 4.63
N ASP A 87 -9.63 -13.06 3.55
CA ASP A 87 -9.58 -13.71 2.23
C ASP A 87 -8.48 -13.14 1.30
N PHE A 88 -7.54 -12.35 1.85
CA PHE A 88 -6.44 -11.80 1.06
C PHE A 88 -5.30 -12.80 1.11
N SER A 89 -5.36 -13.80 0.23
CA SER A 89 -4.32 -14.81 0.10
C SER A 89 -3.86 -14.80 -1.33
N HIS A 90 -2.79 -14.06 -1.54
CA HIS A 90 -2.14 -13.85 -2.82
C HIS A 90 -0.71 -13.47 -2.50
N PRO A 91 0.28 -14.02 -3.22
CA PRO A 91 1.69 -13.69 -2.90
C PRO A 91 2.05 -12.20 -2.93
N ASN A 92 1.23 -11.40 -3.64
CA ASN A 92 1.45 -9.98 -3.82
C ASN A 92 0.52 -9.07 -2.98
N VAL A 93 -0.15 -9.67 -1.99
CA VAL A 93 -1.05 -8.97 -1.08
C VAL A 93 -0.67 -9.40 0.33
N LEU A 94 -0.58 -8.44 1.27
CA LEU A 94 -0.24 -8.71 2.66
C LEU A 94 -1.31 -9.54 3.32
N SER A 95 -0.88 -10.56 4.09
CA SER A 95 -1.67 -11.54 4.84
C SER A 95 -1.90 -11.09 6.26
N LEU A 96 -2.89 -11.70 6.91
CA LEU A 96 -3.24 -11.51 8.31
C LEU A 96 -2.87 -12.81 9.06
N LEU A 97 -1.97 -12.72 10.05
CA LEU A 97 -1.62 -13.92 10.85
C LEU A 97 -2.77 -14.16 11.85
N GLY A 98 -3.36 -13.06 12.30
CA GLY A 98 -4.53 -13.05 13.17
C GLY A 98 -4.69 -11.78 13.98
N ILE A 99 -5.70 -11.78 14.87
CA ILE A 99 -5.97 -10.68 15.78
C ILE A 99 -5.93 -11.11 17.25
N CYS A 100 -5.16 -10.38 18.06
CA CYS A 100 -5.03 -10.69 19.47
C CYS A 100 -5.93 -9.79 20.31
N LEU A 101 -6.81 -10.39 21.12
CA LEU A 101 -7.69 -9.65 22.02
C LEU A 101 -7.03 -9.46 23.40
N ARG A 102 -6.57 -8.24 23.67
CA ARG A 102 -5.91 -7.88 24.92
C ARG A 102 -6.95 -7.70 26.02
N SER A 103 -6.67 -8.27 27.21
CA SER A 103 -7.54 -8.15 28.39
C SER A 103 -7.30 -6.77 29.05
N GLU A 104 -6.38 -5.96 28.45
CA GLU A 104 -5.98 -4.62 28.88
C GLU A 104 -6.76 -3.54 28.12
N GLY A 105 -6.32 -3.23 26.89
CA GLY A 105 -6.92 -2.19 26.06
C GLY A 105 -7.14 -2.54 24.60
N SER A 106 -6.48 -1.76 23.71
CA SER A 106 -6.58 -1.86 22.25
C SER A 106 -6.34 -3.28 21.71
N PRO A 107 -7.21 -3.76 20.79
CA PRO A 107 -6.96 -5.08 20.18
C PRO A 107 -5.74 -5.01 19.26
N LEU A 108 -5.08 -6.15 19.01
CA LEU A 108 -3.85 -6.17 18.23
C LEU A 108 -3.94 -6.88 16.90
N VAL A 109 -3.54 -6.19 15.82
CA VAL A 109 -3.53 -6.80 14.48
C VAL A 109 -2.12 -7.33 14.19
N VAL A 110 -2.05 -8.63 13.93
CA VAL A 110 -0.78 -9.34 13.73
C VAL A 110 -0.54 -9.69 12.26
N LEU A 111 0.57 -9.15 11.72
CA LEU A 111 0.94 -9.33 10.33
C LEU A 111 2.34 -9.92 10.16
N PRO A 112 2.60 -10.72 9.09
CA PRO A 112 3.96 -11.24 8.90
C PRO A 112 4.94 -10.06 8.74
N TYR A 113 6.15 -10.23 9.30
CA TYR A 113 7.17 -9.20 9.26
C TYR A 113 7.72 -9.02 7.84
N MET A 114 7.81 -7.76 7.40
CA MET A 114 8.35 -7.40 6.10
C MET A 114 9.72 -6.78 6.35
N LYS A 115 10.77 -7.60 6.15
CA LYS A 115 12.18 -7.28 6.38
C LYS A 115 12.65 -5.98 5.73
N HIS A 116 12.18 -5.70 4.53
CA HIS A 116 12.63 -4.52 3.80
C HIS A 116 11.73 -3.29 3.94
N GLY A 117 10.69 -3.40 4.78
CA GLY A 117 9.73 -2.34 5.07
C GLY A 117 8.90 -1.91 3.88
N ASP A 118 8.61 -0.62 3.78
CA ASP A 118 7.80 -0.08 2.68
C ASP A 118 8.61 0.13 1.40
N LEU A 119 7.94 0.00 0.26
CA LEU A 119 8.56 0.13 -1.06
C LEU A 119 9.19 1.52 -1.34
N ARG A 120 8.57 2.60 -0.87
CA ARG A 120 9.08 3.97 -1.07
C ARG A 120 10.44 4.22 -0.35
N ASN A 121 10.55 3.86 0.94
CA ASN A 121 11.79 4.05 1.69
C ASN A 121 12.87 3.12 1.15
N PHE A 122 12.46 1.91 0.70
CA PHE A 122 13.38 0.96 0.10
C PHE A 122 14.06 1.52 -1.16
N ILE A 123 13.27 2.06 -2.11
CA ILE A 123 13.80 2.60 -3.38
C ILE A 123 14.54 3.92 -3.19
N ARG A 124 14.17 4.70 -2.14
CA ARG A 124 14.79 5.98 -1.78
C ARG A 124 16.20 5.82 -1.20
N ASN A 125 16.44 4.69 -0.52
CA ASN A 125 17.72 4.34 0.13
C ASN A 125 18.84 4.37 -0.87
N GLU A 126 19.79 5.25 -0.62
CA GLU A 126 20.93 5.46 -1.52
C GLU A 126 22.00 4.33 -1.49
N THR A 127 21.93 3.42 -0.50
CA THR A 127 22.81 2.25 -0.38
C THR A 127 22.26 1.10 -1.26
N HIS A 128 21.04 1.28 -1.82
CA HIS A 128 20.39 0.32 -2.72
C HIS A 128 20.66 0.67 -4.15
N ASN A 129 20.89 -0.36 -5.00
CA ASN A 129 21.26 -0.18 -6.40
C ASN A 129 20.30 -0.88 -7.39
N PRO A 130 19.03 -0.39 -7.48
CA PRO A 130 18.07 -1.01 -8.41
C PRO A 130 18.36 -0.67 -9.86
N THR A 131 17.97 -1.60 -10.73
CA THR A 131 18.06 -1.50 -12.16
C THR A 131 16.64 -1.17 -12.67
N VAL A 132 16.49 -0.88 -13.97
CA VAL A 132 15.20 -0.62 -14.61
C VAL A 132 14.27 -1.84 -14.38
N LYS A 133 14.82 -3.06 -14.63
CA LYS A 133 14.21 -4.38 -14.44
C LYS A 133 13.69 -4.62 -13.02
N ASP A 134 14.48 -4.25 -12.01
CA ASP A 134 14.06 -4.41 -10.62
C ASP A 134 12.84 -3.53 -10.34
N LEU A 135 12.87 -2.27 -10.80
CA LEU A 135 11.77 -1.32 -10.55
C LEU A 135 10.49 -1.68 -11.32
N ILE A 136 10.65 -2.12 -12.58
CA ILE A 136 9.52 -2.59 -13.41
C ILE A 136 9.01 -3.87 -12.77
N GLY A 137 9.94 -4.69 -12.26
CA GLY A 137 9.62 -5.91 -11.50
C GLY A 137 8.71 -5.63 -10.33
N PHE A 138 9.03 -4.61 -9.48
CA PHE A 138 8.19 -4.19 -8.36
C PHE A 138 6.80 -3.73 -8.83
N GLY A 139 6.74 -2.90 -9.88
CA GLY A 139 5.49 -2.44 -10.51
C GLY A 139 4.61 -3.59 -10.96
N LEU A 140 5.21 -4.64 -11.57
CA LEU A 140 4.54 -5.86 -12.04
C LEU A 140 3.92 -6.62 -10.86
N GLN A 141 4.68 -6.79 -9.77
CA GLN A 141 4.20 -7.46 -8.56
C GLN A 141 3.01 -6.74 -7.96
N VAL A 142 3.03 -5.38 -7.97
CA VAL A 142 1.93 -4.53 -7.49
C VAL A 142 0.73 -4.77 -8.40
N ALA A 143 0.96 -4.83 -9.73
CA ALA A 143 -0.12 -5.07 -10.70
C ALA A 143 -0.77 -6.43 -10.46
N LYS A 144 0.04 -7.48 -10.16
CA LYS A 144 -0.45 -8.83 -9.87
C LYS A 144 -1.36 -8.85 -8.63
N GLY A 145 -0.92 -8.16 -7.57
CA GLY A 145 -1.68 -8.01 -6.32
C GLY A 145 -2.99 -7.31 -6.54
N MET A 146 -2.96 -6.20 -7.32
CA MET A 146 -4.13 -5.41 -7.68
C MET A 146 -5.09 -6.17 -8.58
N LYS A 147 -4.56 -7.04 -9.48
CA LYS A 147 -5.36 -7.90 -10.36
C LYS A 147 -6.21 -8.86 -9.51
N PHE A 148 -5.59 -9.40 -8.46
CA PHE A 148 -6.25 -10.29 -7.53
C PHE A 148 -7.32 -9.54 -6.75
N LEU A 149 -6.98 -8.35 -6.21
CA LEU A 149 -7.91 -7.52 -5.42
C LEU A 149 -9.13 -7.07 -6.24
N ALA A 150 -8.89 -6.65 -7.50
CA ALA A 150 -9.95 -6.23 -8.41
C ALA A 150 -10.92 -7.40 -8.76
N SER A 151 -10.40 -8.65 -8.79
CA SER A 151 -11.19 -9.85 -9.09
C SER A 151 -12.15 -10.19 -7.94
N LYS A 152 -11.83 -9.71 -6.72
CA LYS A 152 -12.62 -9.86 -5.51
C LYS A 152 -13.49 -8.60 -5.29
N LYS A 153 -13.47 -7.66 -6.26
CA LYS A 153 -14.20 -6.38 -6.27
C LYS A 153 -13.77 -5.49 -5.09
N PHE A 154 -12.51 -5.62 -4.66
CA PHE A 154 -11.96 -4.82 -3.59
C PHE A 154 -11.25 -3.57 -4.15
N VAL A 155 -11.68 -2.38 -3.70
CA VAL A 155 -11.17 -1.07 -4.12
C VAL A 155 -10.23 -0.58 -3.04
N HIS A 156 -8.96 -0.37 -3.39
CA HIS A 156 -7.93 0.02 -2.43
C HIS A 156 -8.16 1.40 -1.81
N ARG A 157 -8.32 2.45 -2.66
CA ARG A 157 -8.54 3.87 -2.32
C ARG A 157 -7.27 4.65 -1.99
N ASP A 158 -6.18 3.96 -1.57
CA ASP A 158 -4.91 4.62 -1.23
C ASP A 158 -3.66 3.85 -1.70
N LEU A 159 -3.69 3.38 -2.94
CA LEU A 159 -2.56 2.68 -3.54
C LEU A 159 -1.41 3.69 -3.83
N ALA A 160 -0.26 3.47 -3.20
CA ALA A 160 0.95 4.28 -3.31
C ALA A 160 2.13 3.42 -2.87
N ALA A 161 3.36 3.77 -3.30
CA ALA A 161 4.55 2.97 -2.91
C ALA A 161 4.75 2.85 -1.37
N ARG A 162 4.24 3.85 -0.57
CA ARG A 162 4.31 3.91 0.90
C ARG A 162 3.49 2.81 1.58
N ASN A 163 2.48 2.28 0.85
CA ASN A 163 1.54 1.26 1.29
C ASN A 163 1.88 -0.10 0.75
N CYS A 164 2.98 -0.20 0.00
CA CYS A 164 3.42 -1.47 -0.55
C CYS A 164 4.59 -1.94 0.27
N MET A 165 4.51 -3.19 0.76
CA MET A 165 5.51 -3.83 1.62
C MET A 165 6.44 -4.74 0.88
N LEU A 166 7.69 -4.82 1.35
CA LEU A 166 8.73 -5.63 0.74
C LEU A 166 9.35 -6.63 1.75
N ASP A 167 9.35 -7.94 1.43
CA ASP A 167 9.89 -9.01 2.30
C ASP A 167 11.34 -9.42 1.92
N GLU A 168 11.87 -10.46 2.59
CA GLU A 168 13.23 -10.98 2.44
C GLU A 168 13.63 -11.49 1.05
N LYS A 169 12.63 -11.97 0.27
CA LYS A 169 12.79 -12.49 -1.09
C LYS A 169 12.47 -11.38 -2.08
N PHE A 170 12.25 -10.14 -1.59
CA PHE A 170 11.92 -8.99 -2.43
C PHE A 170 10.55 -9.12 -3.14
N THR A 171 9.62 -9.80 -2.47
CA THR A 171 8.24 -9.97 -2.94
C THR A 171 7.47 -8.79 -2.35
N VAL A 172 6.78 -8.05 -3.23
CA VAL A 172 5.98 -6.88 -2.92
C VAL A 172 4.65 -7.39 -2.42
N LYS A 173 4.22 -6.85 -1.27
CA LYS A 173 2.92 -7.17 -0.68
C LYS A 173 2.10 -5.86 -0.62
N VAL A 174 1.01 -5.77 -1.41
CA VAL A 174 0.14 -4.59 -1.41
C VAL A 174 -0.53 -4.56 -0.04
N ALA A 175 -0.45 -3.41 0.63
CA ALA A 175 -1.05 -3.27 1.95
C ALA A 175 -1.66 -1.87 2.12
N ASP A 176 -2.10 -1.53 3.34
CA ASP A 176 -2.62 -0.21 3.69
C ASP A 176 -2.29 0.04 5.13
N PHE A 177 -1.39 1.01 5.36
CA PHE A 177 -0.96 1.39 6.71
C PHE A 177 -2.10 1.96 7.57
N GLY A 178 -2.88 2.90 7.02
CA GLY A 178 -3.99 3.54 7.70
C GLY A 178 -4.32 4.91 7.14
N ASN A 193 -16.31 13.55 7.41
CA ASN A 193 -15.44 14.28 6.49
C ASN A 193 -16.08 14.39 5.09
N LYS A 194 -16.77 15.52 4.84
CA LYS A 194 -17.45 15.80 3.57
C LYS A 194 -16.53 16.57 2.60
N THR A 195 -16.02 17.74 3.03
CA THR A 195 -15.14 18.58 2.22
C THR A 195 -13.76 18.84 2.86
N GLY A 196 -13.54 18.31 4.06
CA GLY A 196 -12.29 18.41 4.81
C GLY A 196 -11.18 17.57 4.23
N ALA A 197 -9.94 18.08 4.28
CA ALA A 197 -8.75 17.41 3.72
C ALA A 197 -7.96 16.49 4.67
N LYS A 198 -7.71 15.26 4.19
CA LYS A 198 -6.96 14.16 4.81
C LYS A 198 -6.62 13.13 3.70
N LEU A 199 -7.13 13.38 2.48
CA LEU A 199 -7.05 12.56 1.28
C LEU A 199 -5.71 12.59 0.53
N PRO A 200 -5.27 11.45 -0.08
CA PRO A 200 -4.02 11.44 -0.86
C PRO A 200 -4.27 11.93 -2.30
N VAL A 201 -4.64 13.23 -2.41
CA VAL A 201 -5.02 13.91 -3.65
C VAL A 201 -4.07 13.71 -4.84
N LYS A 202 -2.76 13.63 -4.59
CA LYS A 202 -1.73 13.48 -5.62
C LYS A 202 -1.67 12.12 -6.34
N TRP A 203 -2.36 11.10 -5.78
CA TRP A 203 -2.49 9.75 -6.35
C TRP A 203 -3.90 9.54 -6.87
N MET A 204 -4.77 10.54 -6.69
CA MET A 204 -6.20 10.49 -7.02
C MET A 204 -6.58 10.82 -8.42
N ALA A 205 -7.56 10.05 -8.95
CA ALA A 205 -8.10 10.23 -10.29
C ALA A 205 -8.94 11.51 -10.35
N LEU A 206 -9.02 12.15 -11.53
CA LEU A 206 -9.84 13.35 -11.77
C LEU A 206 -11.26 13.20 -11.22
N GLU A 207 -11.97 12.13 -11.64
CA GLU A 207 -13.34 11.86 -11.17
C GLU A 207 -13.46 11.71 -9.65
N SER A 208 -12.45 11.13 -8.99
CA SER A 208 -12.41 10.95 -7.54
C SER A 208 -12.14 12.25 -6.79
N LEU A 209 -11.41 13.20 -7.40
CA LEU A 209 -11.16 14.51 -6.77
C LEU A 209 -12.44 15.39 -6.88
N GLN A 210 -13.14 15.31 -8.04
CA GLN A 210 -14.36 16.08 -8.38
C GLN A 210 -15.59 15.56 -7.62
N THR A 211 -15.92 14.27 -7.79
CA THR A 211 -16.95 13.56 -7.02
C THR A 211 -16.10 12.95 -5.91
N GLN A 212 -16.64 12.30 -4.89
CA GLN A 212 -15.68 11.72 -3.94
C GLN A 212 -15.70 10.18 -3.96
N LYS A 213 -16.06 9.61 -5.13
CA LYS A 213 -16.22 8.18 -5.39
C LYS A 213 -14.91 7.48 -5.82
N PHE A 214 -14.68 6.27 -5.28
CA PHE A 214 -13.50 5.49 -5.64
C PHE A 214 -13.90 4.19 -6.31
N THR A 215 -13.22 3.83 -7.44
CA THR A 215 -13.48 2.61 -8.23
C THR A 215 -12.15 1.85 -8.47
N THR A 216 -12.20 0.72 -9.22
CA THR A 216 -11.00 -0.03 -9.63
C THR A 216 -10.29 0.81 -10.67
N LYS A 217 -11.05 1.53 -11.50
CA LYS A 217 -10.51 2.45 -12.50
C LYS A 217 -9.74 3.63 -11.88
N SER A 218 -10.13 4.08 -10.66
CA SER A 218 -9.41 5.14 -9.99
C SER A 218 -8.15 4.56 -9.31
N ASP A 219 -8.19 3.25 -8.90
CA ASP A 219 -7.00 2.54 -8.41
C ASP A 219 -5.98 2.44 -9.55
N VAL A 220 -6.45 2.32 -10.80
CA VAL A 220 -5.62 2.26 -12.01
C VAL A 220 -4.87 3.59 -12.20
N TRP A 221 -5.52 4.75 -11.88
CA TRP A 221 -4.89 6.07 -11.91
C TRP A 221 -3.78 6.04 -10.85
N SER A 222 -4.12 5.66 -9.60
CA SER A 222 -3.16 5.58 -8.50
C SER A 222 -1.95 4.70 -8.84
N PHE A 223 -2.20 3.55 -9.50
CA PHE A 223 -1.16 2.64 -9.96
C PHE A 223 -0.16 3.33 -10.93
N GLY A 224 -0.67 4.17 -11.83
CA GLY A 224 0.16 4.92 -12.75
C GLY A 224 1.13 5.85 -12.02
N VAL A 225 0.63 6.52 -10.95
CA VAL A 225 1.45 7.41 -10.09
C VAL A 225 2.49 6.55 -9.34
N LEU A 226 2.07 5.36 -8.85
CA LEU A 226 2.94 4.41 -8.16
C LEU A 226 4.10 4.00 -9.10
N LEU A 227 3.82 3.76 -10.42
CA LEU A 227 4.88 3.45 -11.40
C LEU A 227 5.85 4.62 -11.54
N TRP A 228 5.33 5.88 -11.49
CA TRP A 228 6.14 7.11 -11.52
C TRP A 228 7.09 7.17 -10.30
N GLU A 229 6.56 6.86 -9.09
CA GLU A 229 7.33 6.83 -7.84
C GLU A 229 8.44 5.79 -7.96
N LEU A 230 8.13 4.63 -8.56
CA LEU A 230 9.11 3.57 -8.78
C LEU A 230 10.24 3.99 -9.68
N MET A 231 9.94 4.60 -10.85
CA MET A 231 10.94 5.03 -11.82
C MET A 231 11.79 6.26 -11.44
N THR A 232 11.32 7.06 -10.47
CA THR A 232 12.03 8.25 -9.96
C THR A 232 12.74 7.89 -8.64
N ARG A 233 12.62 6.62 -8.20
CA ARG A 233 13.17 6.14 -6.93
C ARG A 233 12.59 6.84 -5.69
N GLY A 234 11.28 7.09 -5.74
CA GLY A 234 10.50 7.63 -4.64
C GLY A 234 10.45 9.13 -4.53
N ALA A 235 10.45 9.83 -5.66
CA ALA A 235 10.31 11.27 -5.62
C ALA A 235 8.84 11.61 -5.33
N PRO A 236 8.57 12.69 -4.56
CA PRO A 236 7.16 13.05 -4.28
C PRO A 236 6.48 13.56 -5.56
N PRO A 237 5.24 13.10 -5.92
CA PRO A 237 4.64 13.60 -7.18
C PRO A 237 4.25 15.06 -7.11
N TYR A 238 4.31 15.78 -8.25
CA TYR A 238 3.97 17.21 -8.39
C TYR A 238 4.51 18.07 -7.19
N PRO A 239 5.85 18.23 -7.02
CA PRO A 239 6.37 18.95 -5.82
C PRO A 239 5.96 20.41 -5.66
N ASP A 240 5.92 21.13 -6.79
CA ASP A 240 5.60 22.55 -6.95
C ASP A 240 4.11 22.85 -6.76
N VAL A 241 3.28 21.81 -6.84
CA VAL A 241 1.83 21.93 -6.81
C VAL A 241 1.23 21.75 -5.44
N ASN A 242 0.48 22.77 -5.02
CA ASN A 242 -0.27 22.83 -3.78
C ASN A 242 -1.43 21.81 -3.87
N THR A 243 -1.62 21.02 -2.79
CA THR A 243 -2.63 19.95 -2.65
C THR A 243 -4.07 20.39 -3.02
N PHE A 244 -4.47 21.60 -2.59
CA PHE A 244 -5.78 22.20 -2.81
C PHE A 244 -6.07 22.56 -4.29
N ASP A 245 -5.02 22.75 -5.12
CA ASP A 245 -5.19 23.10 -6.53
C ASP A 245 -4.74 22.02 -7.58
N ILE A 246 -4.60 20.74 -7.17
CA ILE A 246 -4.19 19.65 -8.08
C ILE A 246 -5.18 19.42 -9.25
N THR A 247 -6.52 19.55 -9.00
CA THR A 247 -7.59 19.43 -10.02
C THR A 247 -7.42 20.51 -11.10
N VAL A 248 -7.16 21.78 -10.66
CA VAL A 248 -6.92 22.94 -11.52
C VAL A 248 -5.68 22.72 -12.38
N TYR A 249 -4.66 22.09 -11.80
CA TYR A 249 -3.39 21.80 -12.45
C TYR A 249 -3.59 20.74 -13.54
N LEU A 250 -4.23 19.63 -13.17
CA LEU A 250 -4.52 18.54 -14.10
C LEU A 250 -5.38 18.97 -15.26
N LEU A 251 -6.43 19.80 -15.02
CA LEU A 251 -7.34 20.30 -16.05
C LEU A 251 -6.74 21.28 -17.04
N GLN A 252 -5.56 21.84 -16.75
CA GLN A 252 -4.85 22.72 -17.68
C GLN A 252 -4.27 21.86 -18.82
N GLY A 253 -4.30 20.53 -18.66
CA GLY A 253 -3.81 19.56 -19.64
C GLY A 253 -2.45 19.04 -19.27
N ARG A 254 -2.27 18.62 -17.99
CA ARG A 254 -0.97 18.20 -17.46
C ARG A 254 -1.01 16.81 -16.86
N ARG A 255 0.15 16.13 -16.88
CA ARG A 255 0.46 14.82 -16.32
C ARG A 255 1.91 14.92 -15.83
N LEU A 256 2.31 14.00 -14.95
CA LEU A 256 3.66 13.88 -14.44
C LEU A 256 4.61 13.64 -15.63
N LEU A 257 5.78 14.29 -15.61
CA LEU A 257 6.80 14.16 -16.66
C LEU A 257 7.35 12.75 -16.66
N GLN A 258 7.93 12.34 -17.80
CA GLN A 258 8.49 11.00 -17.91
C GLN A 258 9.78 10.97 -17.10
N PRO A 259 9.89 10.10 -16.08
CA PRO A 259 11.17 10.03 -15.35
C PRO A 259 12.32 9.71 -16.29
N GLU A 260 13.49 10.28 -15.99
CA GLU A 260 14.74 10.07 -16.75
C GLU A 260 15.02 8.60 -17.14
N TYR A 261 14.83 7.64 -16.21
CA TYR A 261 15.14 6.24 -16.49
C TYR A 261 13.92 5.36 -16.81
N CYS A 262 12.78 5.99 -17.08
CA CYS A 262 11.55 5.29 -17.40
C CYS A 262 11.53 5.00 -18.91
N PRO A 263 11.38 3.72 -19.33
CA PRO A 263 11.32 3.43 -20.78
C PRO A 263 10.03 3.99 -21.39
N ASP A 264 10.08 4.43 -22.66
CA ASP A 264 8.92 4.97 -23.37
C ASP A 264 7.66 4.09 -23.25
N PRO A 265 7.70 2.75 -23.51
CA PRO A 265 6.45 1.95 -23.38
C PRO A 265 5.89 1.92 -21.97
N LEU A 266 6.74 2.11 -20.93
CA LEU A 266 6.22 2.18 -19.56
C LEU A 266 5.57 3.52 -19.34
N TYR A 267 6.14 4.60 -19.92
CA TYR A 267 5.50 5.94 -19.85
C TYR A 267 4.13 5.96 -20.52
N GLU A 268 4.02 5.33 -21.69
CA GLU A 268 2.78 5.17 -22.47
C GLU A 268 1.69 4.45 -21.64
N VAL A 269 2.11 3.48 -20.79
CA VAL A 269 1.27 2.70 -19.88
C VAL A 269 0.76 3.63 -18.78
N MET A 270 1.65 4.51 -18.24
CA MET A 270 1.31 5.52 -17.23
C MET A 270 0.25 6.47 -17.77
N LEU A 271 0.42 6.93 -19.04
CA LEU A 271 -0.54 7.83 -19.69
C LEU A 271 -1.90 7.14 -19.91
N LYS A 272 -1.89 5.81 -20.18
CA LYS A 272 -3.12 5.00 -20.28
C LYS A 272 -3.82 4.94 -18.91
N CYS A 273 -3.07 4.73 -17.78
CA CYS A 273 -3.61 4.74 -16.41
C CYS A 273 -4.22 6.09 -16.07
N TRP A 274 -3.75 7.15 -16.72
CA TRP A 274 -4.21 8.51 -16.46
C TRP A 274 -5.22 9.01 -17.51
N HIS A 275 -5.85 8.09 -18.24
CA HIS A 275 -6.87 8.42 -19.24
C HIS A 275 -7.98 9.27 -18.59
N PRO A 276 -8.37 10.43 -19.18
CA PRO A 276 -9.47 11.24 -18.59
C PRO A 276 -10.80 10.48 -18.47
N LYS A 277 -11.07 9.49 -19.37
CA LYS A 277 -12.26 8.62 -19.32
C LYS A 277 -11.87 7.37 -18.53
N ALA A 278 -12.37 7.23 -17.30
CA ALA A 278 -12.11 6.12 -16.37
C ALA A 278 -12.28 4.75 -17.01
N GLU A 279 -13.35 4.59 -17.83
CA GLU A 279 -13.67 3.34 -18.53
C GLU A 279 -12.70 3.01 -19.67
N MET A 280 -11.83 3.99 -20.08
CA MET A 280 -10.84 3.78 -21.16
C MET A 280 -9.47 3.34 -20.61
N ARG A 281 -9.34 3.34 -19.30
CA ARG A 281 -8.12 2.95 -18.62
C ARG A 281 -7.93 1.45 -18.71
N PRO A 282 -6.68 0.95 -18.83
CA PRO A 282 -6.49 -0.51 -18.84
C PRO A 282 -6.91 -1.11 -17.51
N SER A 283 -7.36 -2.36 -17.55
CA SER A 283 -7.70 -3.10 -16.33
C SER A 283 -6.37 -3.58 -15.76
N PHE A 284 -6.39 -4.04 -14.51
CA PHE A 284 -5.19 -4.61 -13.87
C PHE A 284 -4.72 -5.90 -14.55
N SER A 285 -5.63 -6.62 -15.17
CA SER A 285 -5.32 -7.82 -15.93
C SER A 285 -4.48 -7.46 -17.17
N GLU A 286 -4.86 -6.37 -17.88
CA GLU A 286 -4.17 -5.84 -19.05
C GLU A 286 -2.82 -5.22 -18.68
N LEU A 287 -2.77 -4.49 -17.54
CA LEU A 287 -1.55 -3.91 -16.98
C LEU A 287 -0.55 -5.03 -16.66
N VAL A 288 -1.00 -6.15 -16.04
CA VAL A 288 -0.14 -7.30 -15.75
C VAL A 288 0.48 -7.81 -17.06
N SER A 289 -0.32 -7.93 -18.10
CA SER A 289 0.11 -8.43 -19.41
C SER A 289 1.15 -7.54 -20.05
N ARG A 290 0.83 -6.23 -20.17
CA ARG A 290 1.67 -5.20 -20.79
C ARG A 290 2.97 -5.02 -20.05
N ILE A 291 2.93 -4.93 -18.70
CA ILE A 291 4.13 -4.72 -17.88
C ILE A 291 5.03 -5.97 -17.88
N SER A 292 4.42 -7.16 -17.92
CA SER A 292 5.17 -8.41 -17.97
C SER A 292 6.01 -8.52 -19.23
N ALA A 293 5.52 -7.92 -20.33
CA ALA A 293 6.22 -7.90 -21.63
C ALA A 293 7.39 -6.92 -21.61
N ILE A 294 7.19 -5.72 -21.04
CA ILE A 294 8.20 -4.67 -20.91
C ILE A 294 9.33 -5.19 -20.02
N PHE A 295 8.97 -5.85 -18.90
CA PHE A 295 9.90 -6.44 -17.94
C PHE A 295 10.82 -7.51 -18.57
N SER A 296 10.26 -8.38 -19.43
CA SER A 296 10.97 -9.49 -20.10
C SER A 296 12.09 -9.05 -21.06
N THR A 297 12.04 -7.78 -21.53
CA THR A 297 13.02 -7.20 -22.47
C THR A 297 14.30 -6.73 -21.81
N PHE A 298 14.24 -6.44 -20.49
CA PHE A 298 15.36 -5.95 -19.69
C PHE A 298 16.16 -7.12 -19.08
N ILE A 299 17.48 -6.94 -18.93
CA ILE A 299 18.38 -7.97 -18.41
C ILE A 299 19.08 -7.63 -17.08
N GLY A 300 18.93 -6.40 -16.60
CA GLY A 300 19.55 -5.93 -15.35
C GLY A 300 20.81 -5.12 -15.58
N GLU A 301 20.95 -4.53 -16.77
CA GLU A 301 22.08 -3.73 -17.20
C GLU A 301 21.96 -2.27 -16.85
N HIS A 302 20.72 -1.73 -16.87
CA HIS A 302 20.47 -0.31 -16.65
C HIS A 302 20.22 0.05 -15.23
N TYR A 303 21.15 0.79 -14.61
CA TYR A 303 21.03 1.24 -13.22
C TYR A 303 20.25 2.53 -13.14
N VAL A 304 19.37 2.63 -12.14
CA VAL A 304 18.54 3.81 -11.93
C VAL A 304 19.11 4.66 -10.81
N HIS A 305 19.46 5.90 -11.17
CA HIS A 305 20.04 6.88 -10.25
C HIS A 305 19.03 7.90 -9.82
N VAL A 306 19.21 8.47 -8.63
CA VAL A 306 18.31 9.50 -8.11
C VAL A 306 18.50 10.85 -8.82
N ASN A 307 17.39 11.59 -9.03
CA ASN A 307 17.38 12.90 -9.66
C ASN A 307 17.75 13.98 -8.61
N ALA A 308 18.78 14.79 -8.92
CA ALA A 308 19.31 15.88 -8.09
C ALA A 308 18.25 16.92 -7.75
N THR A 309 17.29 17.18 -8.68
CA THR A 309 16.19 18.14 -8.48
C THR A 309 15.11 17.60 -7.53
N TYR A 310 15.17 16.28 -7.20
CA TYR A 310 14.22 15.60 -6.31
C TYR A 310 14.77 15.17 -4.92
N VAL A 311 16.10 15.27 -4.71
CA VAL A 311 16.79 14.94 -3.44
C VAL A 311 16.38 15.94 -2.34
N ASN A 312 16.03 15.42 -1.12
CA ASN A 312 15.60 16.19 0.05
C ASN A 312 14.25 16.94 -0.17
N VAL A 313 13.63 16.75 -1.34
CA VAL A 313 12.34 17.37 -1.66
C VAL A 313 11.26 16.52 -0.95
N LYS A 314 10.45 17.18 -0.12
CA LYS A 314 9.40 16.49 0.64
C LYS A 314 8.04 16.58 -0.03
N1 L8V B . 6.52 -5.37 8.40
C2 L8V B . 6.93 -4.14 8.74
C3 L8V B . 5.98 -3.12 8.99
C4 L8V B . 4.62 -3.47 8.87
O5 L8V B . 3.70 -2.43 9.14
C6 L8V B . 2.38 -2.54 8.68
C7 L8V B . 2.03 -2.32 7.32
C8 L8V B . 0.69 -2.44 6.91
C9 L8V B . -0.30 -2.79 7.85
C10 L8V B . 0.04 -3.01 9.19
C11 L8V B . 1.37 -2.89 9.58
F12 L8V B . 1.65 -3.11 10.86
N13 L8V B . -1.56 -2.89 7.39
C14 L8V B . -2.74 -3.20 7.99
C15 L8V B . -3.80 -3.59 7.15
C16 L8V B . -5.01 -3.91 7.79
C17 L8V B . -5.19 -3.84 9.17
C18 L8V B . -4.08 -3.44 9.91
N19 L8V B . -2.89 -3.12 9.34
C20 L8V B . -3.64 -3.67 5.69
O21 L8V B . -2.59 -3.45 5.09
N22 L8V B . -4.76 -4.02 5.01
C23 L8V B . -4.76 -4.14 3.65
C24 L8V B . -4.07 -5.18 2.95
C25 L8V B . -4.11 -5.22 1.52
C26 L8V B . -4.86 -4.22 0.84
C27 L8V B . -5.53 -3.20 1.48
C28 L8V B . -5.47 -3.17 2.88
F29 L8V B . -4.96 -4.18 -0.49
C30 L8V B . 5.22 -5.71 8.29
C31 L8V B . 4.21 -4.79 8.52
F32 L8V B . -6.13 -2.18 3.48
N33 L8V B . 8.27 -3.93 8.81
#